data_1YYA
#
_entry.id   1YYA
#
_cell.length_a   87.612
_cell.length_b   118.382
_cell.length_c   120.677
_cell.angle_alpha   90.00
_cell.angle_beta   90.00
_cell.angle_gamma   90.00
#
_symmetry.space_group_name_H-M   'I 21 21 21'
#
loop_
_entity.id
_entity.type
_entity.pdbx_description
1 polymer 'triosephosphate isomerase'
2 non-polymer 'SODIUM ION'
3 non-polymer 'PHOSPHATE ION'
4 water water
#
_entity_poly.entity_id   1
_entity_poly.type   'polypeptide(L)'
_entity_poly.pdbx_seq_one_letter_code
;MRRVLVAGNWKMHKTPSEARVWFAELKRLLPPLQSEAAVLPAFPILPVAKEVLAETQVGYGAQDVSAHKEGAYTGEVSAR
MLSDLGCRYAIVGHSERRRYHGETDALVAEKAKRLLEEGITPILCVGEPLEVREKGEAVPYTLRQLRGSLEGVEPPGPEA
LVIAYEPVWAIGTGKNATPEDAEAMHQAIRKALSERYGEAFASRVRILYGGSVNPKNFADLLSMPNVDGGLVGGASLELE
SFLALLRIAG
;
_entity_poly.pdbx_strand_id   A,B
#
# COMPACT_ATOMS: atom_id res chain seq x y z
N MET A 1 -13.32 -32.78 -9.02
CA MET A 1 -12.29 -32.33 -8.05
C MET A 1 -11.94 -30.86 -8.21
N ARG A 2 -11.59 -30.22 -7.10
CA ARG A 2 -11.23 -28.80 -7.09
C ARG A 2 -9.84 -28.61 -7.69
N ARG A 3 -9.70 -27.63 -8.58
CA ARG A 3 -8.42 -27.37 -9.22
C ARG A 3 -7.47 -26.76 -8.19
N VAL A 4 -6.25 -27.29 -8.15
CA VAL A 4 -5.24 -26.82 -7.21
C VAL A 4 -4.77 -25.41 -7.55
N LEU A 5 -4.48 -24.62 -6.52
CA LEU A 5 -3.98 -23.27 -6.71
C LEU A 5 -2.71 -23.09 -5.88
N VAL A 6 -1.64 -22.65 -6.54
CA VAL A 6 -0.38 -22.39 -5.86
C VAL A 6 -0.17 -20.89 -5.99
N ALA A 7 -0.35 -20.18 -4.88
CA ALA A 7 -0.22 -18.72 -4.87
C ALA A 7 1.03 -18.28 -4.11
N GLY A 8 1.90 -17.56 -4.79
CA GLY A 8 3.12 -17.11 -4.16
C GLY A 8 3.04 -15.69 -3.60
N ASN A 9 3.08 -15.58 -2.28
CA ASN A 9 3.05 -14.28 -1.62
C ASN A 9 4.48 -13.81 -1.38
N TRP A 10 4.97 -12.93 -2.25
CA TRP A 10 6.33 -12.42 -2.12
C TRP A 10 6.51 -11.49 -0.93
N LYS A 11 5.41 -11.03 -0.36
CA LYS A 11 5.44 -10.09 0.76
C LYS A 11 6.26 -8.86 0.31
N MET A 12 7.02 -8.24 1.20
CA MET A 12 7.78 -7.06 0.78
C MET A 12 9.18 -7.40 0.31
N HIS A 13 9.26 -7.89 -0.92
CA HIS A 13 10.51 -8.30 -1.53
C HIS A 13 10.55 -7.95 -3.02
N LYS A 14 11.76 -7.74 -3.52
CA LYS A 14 12.00 -7.42 -4.93
C LYS A 14 11.57 -6.02 -5.36
N THR A 15 12.08 -5.60 -6.51
CA THR A 15 11.77 -4.31 -7.09
C THR A 15 11.10 -4.57 -8.44
N PRO A 16 10.45 -3.57 -9.03
CA PRO A 16 9.81 -3.78 -10.32
C PRO A 16 10.79 -4.30 -11.38
N SER A 17 12.01 -3.75 -11.40
CA SER A 17 13.00 -4.19 -12.38
C SER A 17 13.41 -5.64 -12.15
N GLU A 18 13.60 -6.02 -10.89
CA GLU A 18 13.97 -7.41 -10.58
C GLU A 18 12.80 -8.35 -10.90
N ALA A 19 11.58 -7.86 -10.69
CA ALA A 19 10.41 -8.66 -10.96
C ALA A 19 10.22 -8.93 -12.45
N ARG A 20 10.56 -7.96 -13.29
CA ARG A 20 10.43 -8.14 -14.74
C ARG A 20 11.27 -9.34 -15.18
N VAL A 21 12.49 -9.44 -14.66
CA VAL A 21 13.38 -10.55 -15.00
C VAL A 21 12.78 -11.88 -14.54
N TRP A 22 12.34 -11.89 -13.29
CA TRP A 22 11.75 -13.07 -12.66
C TRP A 22 10.55 -13.58 -13.46
N PHE A 23 9.63 -12.68 -13.80
CA PHE A 23 8.44 -13.05 -14.56
C PHE A 23 8.79 -13.55 -15.96
N ALA A 24 9.77 -12.92 -16.60
CA ALA A 24 10.17 -13.32 -17.94
C ALA A 24 10.78 -14.72 -17.92
N GLU A 25 11.54 -15.01 -16.87
CA GLU A 25 12.14 -16.33 -16.74
C GLU A 25 11.04 -17.37 -16.50
N LEU A 26 10.08 -17.02 -15.65
CA LEU A 26 8.97 -17.93 -15.35
C LEU A 26 8.20 -18.24 -16.64
N LYS A 27 7.94 -17.20 -17.43
CA LYS A 27 7.22 -17.37 -18.68
C LYS A 27 7.94 -18.32 -19.62
N ARG A 28 9.26 -18.15 -19.75
CA ARG A 28 10.04 -19.00 -20.65
C ARG A 28 10.14 -20.45 -20.15
N LEU A 29 10.23 -20.63 -18.84
CA LEU A 29 10.39 -21.96 -18.23
C LEU A 29 9.12 -22.72 -17.88
N LEU A 30 8.01 -22.01 -17.73
CA LEU A 30 6.75 -22.63 -17.34
C LEU A 30 6.30 -23.79 -18.23
N PRO A 31 6.18 -24.99 -17.66
CA PRO A 31 5.75 -26.15 -18.44
C PRO A 31 4.22 -26.22 -18.39
N PRO A 32 3.61 -27.06 -19.24
CA PRO A 32 2.15 -27.17 -19.24
C PRO A 32 1.70 -27.82 -17.93
N LEU A 33 0.79 -27.16 -17.23
CA LEU A 33 0.30 -27.67 -15.96
C LEU A 33 -1.22 -27.65 -15.84
N GLN A 34 -1.75 -28.60 -15.09
CA GLN A 34 -3.19 -28.69 -14.87
C GLN A 34 -3.62 -27.74 -13.76
N SER A 35 -2.79 -27.61 -12.74
CA SER A 35 -3.08 -26.73 -11.62
C SER A 35 -2.97 -25.27 -12.01
N GLU A 36 -3.35 -24.39 -11.08
CA GLU A 36 -3.29 -22.96 -11.33
C GLU A 36 -2.18 -22.30 -10.52
N ALA A 37 -1.45 -21.40 -11.17
CA ALA A 37 -0.35 -20.69 -10.53
C ALA A 37 -0.66 -19.19 -10.50
N ALA A 38 -0.22 -18.54 -9.43
CA ALA A 38 -0.42 -17.10 -9.30
C ALA A 38 0.68 -16.52 -8.43
N VAL A 39 1.10 -15.30 -8.76
CA VAL A 39 2.13 -14.61 -7.98
C VAL A 39 1.49 -13.35 -7.44
N LEU A 40 1.74 -13.06 -6.17
CA LEU A 40 1.16 -11.90 -5.50
C LEU A 40 2.27 -10.96 -5.02
N PRO A 41 2.71 -10.05 -5.89
CA PRO A 41 3.77 -9.10 -5.57
C PRO A 41 3.26 -7.81 -4.93
N ALA A 42 4.19 -6.96 -4.52
CA ALA A 42 3.84 -5.68 -3.92
C ALA A 42 3.16 -4.80 -4.96
N PHE A 43 2.34 -3.86 -4.50
CA PHE A 43 1.58 -3.00 -5.41
C PHE A 43 2.29 -2.43 -6.65
N PRO A 44 3.45 -1.79 -6.48
CA PRO A 44 4.13 -1.22 -7.66
C PRO A 44 4.70 -2.21 -8.67
N ILE A 45 4.61 -3.50 -8.36
CA ILE A 45 5.10 -4.55 -9.25
C ILE A 45 3.96 -5.10 -10.10
N LEU A 46 2.73 -4.76 -9.75
CA LEU A 46 1.58 -5.27 -10.51
C LEU A 46 1.57 -4.89 -11.99
N PRO A 47 1.99 -3.65 -12.33
CA PRO A 47 1.97 -3.33 -13.77
C PRO A 47 2.88 -4.25 -14.61
N VAL A 48 4.08 -4.55 -14.12
CA VAL A 48 4.96 -5.42 -14.89
C VAL A 48 4.46 -6.86 -14.86
N ALA A 49 3.72 -7.22 -13.81
CA ALA A 49 3.15 -8.56 -13.74
C ALA A 49 2.14 -8.66 -14.88
N LYS A 50 1.32 -7.62 -15.03
CA LYS A 50 0.31 -7.59 -16.08
C LYS A 50 0.98 -7.65 -17.46
N GLU A 51 2.03 -6.86 -17.63
CA GLU A 51 2.73 -6.81 -18.90
C GLU A 51 3.34 -8.14 -19.33
N VAL A 52 4.10 -8.76 -18.44
CA VAL A 52 4.76 -10.02 -18.76
C VAL A 52 3.90 -11.28 -18.66
N LEU A 53 2.98 -11.33 -17.71
CA LEU A 53 2.18 -12.53 -17.51
C LEU A 53 0.77 -12.57 -18.13
N ALA A 54 0.21 -11.42 -18.49
CA ALA A 54 -1.14 -11.39 -19.04
C ALA A 54 -1.48 -12.47 -20.08
N GLU A 55 -0.52 -12.80 -20.95
CA GLU A 55 -0.72 -13.80 -22.01
C GLU A 55 -0.34 -15.23 -21.62
N THR A 56 0.11 -15.42 -20.39
CA THR A 56 0.52 -16.74 -19.93
C THR A 56 -0.58 -17.35 -19.07
N GLN A 57 -0.36 -18.57 -18.61
CA GLN A 57 -1.32 -19.27 -17.76
C GLN A 57 -1.17 -18.81 -16.31
N VAL A 58 -0.14 -18.01 -16.05
CA VAL A 58 0.12 -17.54 -14.68
C VAL A 58 -0.66 -16.28 -14.33
N GLY A 59 -1.42 -16.35 -13.24
CA GLY A 59 -2.19 -15.20 -12.82
C GLY A 59 -1.42 -14.41 -11.77
N TYR A 60 -1.99 -13.28 -11.34
CA TYR A 60 -1.34 -12.46 -10.33
C TYR A 60 -2.38 -11.70 -9.52
N GLY A 61 -1.95 -11.12 -8.41
CA GLY A 61 -2.87 -10.38 -7.56
C GLY A 61 -2.15 -9.56 -6.52
N ALA A 62 -2.91 -8.81 -5.73
CA ALA A 62 -2.36 -7.96 -4.69
C ALA A 62 -2.29 -8.63 -3.33
N GLN A 63 -1.58 -7.98 -2.41
CA GLN A 63 -1.40 -8.50 -1.05
C GLN A 63 -2.31 -7.79 -0.04
N ASP A 64 -3.06 -6.81 -0.51
CA ASP A 64 -3.98 -6.04 0.33
C ASP A 64 -4.83 -5.18 -0.61
N VAL A 65 -5.85 -4.53 -0.07
CA VAL A 65 -6.73 -3.65 -0.84
C VAL A 65 -7.52 -2.79 0.15
N SER A 66 -7.97 -1.62 -0.29
CA SER A 66 -8.72 -0.72 0.57
C SER A 66 -10.14 -1.25 0.81
N ALA A 67 -10.72 -0.87 1.95
CA ALA A 67 -12.07 -1.26 2.28
C ALA A 67 -13.05 -0.27 1.63
N HIS A 68 -12.50 0.81 1.06
CA HIS A 68 -13.30 1.84 0.41
C HIS A 68 -13.15 1.73 -1.11
N LYS A 69 -14.13 2.24 -1.86
CA LYS A 69 -14.09 2.20 -3.32
C LYS A 69 -13.19 3.30 -3.88
N GLU A 70 -13.17 4.44 -3.20
CA GLU A 70 -12.36 5.58 -3.64
C GLU A 70 -12.46 6.66 -2.58
N GLY A 71 -11.57 7.65 -2.64
CA GLY A 71 -11.65 8.72 -1.67
C GLY A 71 -10.37 9.22 -1.05
N ALA A 72 -10.55 10.02 0.00
CA ALA A 72 -9.43 10.61 0.74
C ALA A 72 -8.83 9.64 1.71
N TYR A 73 -8.12 8.66 1.17
CA TYR A 73 -7.45 7.63 1.97
C TYR A 73 -6.02 7.52 1.48
N THR A 74 -5.22 8.51 1.83
CA THR A 74 -3.83 8.55 1.42
C THR A 74 -3.10 7.24 1.68
N GLY A 75 -2.42 6.75 0.65
CA GLY A 75 -1.66 5.52 0.76
C GLY A 75 -2.41 4.24 0.42
N GLU A 76 -3.73 4.30 0.35
CA GLU A 76 -4.52 3.10 0.05
C GLU A 76 -4.73 2.85 -1.43
N VAL A 77 -4.90 1.57 -1.78
CA VAL A 77 -5.09 1.12 -3.16
C VAL A 77 -6.49 0.52 -3.30
N SER A 78 -7.22 0.97 -4.32
CA SER A 78 -8.59 0.50 -4.52
C SER A 78 -8.74 -0.74 -5.39
N ALA A 79 -9.87 -1.42 -5.22
CA ALA A 79 -10.15 -2.60 -6.01
C ALA A 79 -10.25 -2.22 -7.49
N ARG A 80 -10.71 -1.01 -7.77
CA ARG A 80 -10.81 -0.58 -9.16
C ARG A 80 -9.43 -0.47 -9.79
N MET A 81 -8.45 -0.07 -8.99
CA MET A 81 -7.09 0.03 -9.50
C MET A 81 -6.59 -1.38 -9.81
N LEU A 82 -6.92 -2.33 -8.93
CA LEU A 82 -6.48 -3.71 -9.12
C LEU A 82 -7.15 -4.37 -10.32
N SER A 83 -8.44 -4.08 -10.55
CA SER A 83 -9.13 -4.68 -11.69
C SER A 83 -8.61 -4.08 -13.00
N ASP A 84 -8.22 -2.81 -12.97
CA ASP A 84 -7.68 -2.17 -14.17
C ASP A 84 -6.40 -2.91 -14.58
N LEU A 85 -5.70 -3.45 -13.60
CA LEU A 85 -4.46 -4.17 -13.86
C LEU A 85 -4.68 -5.65 -14.16
N GLY A 86 -5.92 -6.10 -14.11
CA GLY A 86 -6.22 -7.49 -14.39
C GLY A 86 -5.89 -8.49 -13.29
N CYS A 87 -5.87 -8.02 -12.04
CA CYS A 87 -5.59 -8.93 -10.93
C CYS A 87 -6.70 -9.95 -10.79
N ARG A 88 -6.31 -11.22 -10.67
CA ARG A 88 -7.29 -12.28 -10.51
C ARG A 88 -7.60 -12.47 -9.02
N TYR A 89 -6.62 -12.15 -8.18
CA TYR A 89 -6.75 -12.29 -6.73
C TYR A 89 -6.20 -11.11 -5.95
N ALA A 90 -6.47 -11.13 -4.65
CA ALA A 90 -5.96 -10.14 -3.71
C ALA A 90 -6.10 -10.74 -2.32
N ILE A 91 -5.00 -10.75 -1.57
CA ILE A 91 -5.02 -11.27 -0.22
C ILE A 91 -5.72 -10.28 0.70
N VAL A 92 -6.53 -10.77 1.61
CA VAL A 92 -7.19 -9.92 2.58
C VAL A 92 -7.09 -10.59 3.95
N GLY A 93 -6.79 -9.80 4.97
CA GLY A 93 -6.67 -10.33 6.31
C GLY A 93 -5.45 -11.19 6.59
N HIS A 94 -4.36 -10.99 5.86
CA HIS A 94 -3.16 -11.78 6.14
C HIS A 94 -2.78 -11.53 7.60
N SER A 95 -2.25 -12.55 8.26
CA SER A 95 -1.85 -12.47 9.66
C SER A 95 -0.99 -11.25 9.98
N GLU A 96 -0.06 -10.95 9.09
CA GLU A 96 0.82 -9.81 9.28
C GLU A 96 0.06 -8.49 9.33
N ARG A 97 -1.02 -8.38 8.56
CA ARG A 97 -1.79 -7.16 8.58
C ARG A 97 -2.74 -7.13 9.78
N ARG A 98 -3.25 -8.29 10.17
CA ARG A 98 -4.13 -8.32 11.34
C ARG A 98 -3.32 -7.95 12.58
N ARG A 99 -2.06 -8.38 12.60
CA ARG A 99 -1.18 -8.11 13.73
C ARG A 99 -0.48 -6.74 13.72
N TYR A 100 0.14 -6.39 12.60
CA TYR A 100 0.86 -5.11 12.50
C TYR A 100 0.00 -3.91 12.14
N HIS A 101 -1.16 -4.15 11.53
CA HIS A 101 -2.01 -3.04 11.12
C HIS A 101 -3.39 -3.05 11.75
N GLY A 102 -3.54 -3.87 12.79
CA GLY A 102 -4.79 -3.97 13.52
C GLY A 102 -6.04 -4.26 12.71
N GLU A 103 -5.91 -4.96 11.59
CA GLU A 103 -7.07 -5.26 10.78
C GLU A 103 -8.00 -6.21 11.52
N THR A 104 -9.28 -5.85 11.58
CA THR A 104 -10.30 -6.62 12.27
C THR A 104 -11.08 -7.50 11.30
N ASP A 105 -11.85 -8.45 11.82
CA ASP A 105 -12.66 -9.31 10.97
C ASP A 105 -13.58 -8.44 10.13
N ALA A 106 -14.16 -7.42 10.75
CA ALA A 106 -15.08 -6.52 10.06
C ALA A 106 -14.41 -5.80 8.90
N LEU A 107 -13.18 -5.35 9.09
CA LEU A 107 -12.44 -4.66 8.04
C LEU A 107 -12.15 -5.62 6.90
N VAL A 108 -11.73 -6.84 7.26
CA VAL A 108 -11.41 -7.85 6.25
C VAL A 108 -12.63 -8.17 5.39
N ALA A 109 -13.80 -8.22 6.02
CA ALA A 109 -15.03 -8.49 5.29
C ALA A 109 -15.30 -7.39 4.27
N GLU A 110 -15.08 -6.14 4.67
CA GLU A 110 -15.28 -5.01 3.77
C GLU A 110 -14.33 -5.07 2.58
N LYS A 111 -13.07 -5.41 2.85
CA LYS A 111 -12.08 -5.52 1.78
C LYS A 111 -12.52 -6.61 0.82
N ALA A 112 -13.01 -7.72 1.36
CA ALA A 112 -13.47 -8.82 0.52
C ALA A 112 -14.62 -8.35 -0.36
N LYS A 113 -15.53 -7.57 0.20
CA LYS A 113 -16.67 -7.07 -0.57
C LYS A 113 -16.22 -6.16 -1.72
N ARG A 114 -15.21 -5.32 -1.46
CA ARG A 114 -14.70 -4.44 -2.50
C ARG A 114 -14.13 -5.26 -3.67
N LEU A 115 -13.41 -6.33 -3.34
CA LEU A 115 -12.83 -7.19 -4.36
C LEU A 115 -13.92 -7.88 -5.17
N LEU A 116 -14.89 -8.46 -4.48
CA LEU A 116 -15.98 -9.16 -5.17
C LEU A 116 -16.68 -8.26 -6.19
N GLU A 117 -16.96 -7.03 -5.80
CA GLU A 117 -17.65 -6.08 -6.67
C GLU A 117 -16.92 -5.84 -7.97
N GLU A 118 -15.59 -5.98 -7.94
CA GLU A 118 -14.77 -5.78 -9.12
C GLU A 118 -14.38 -7.07 -9.82
N GLY A 119 -14.94 -8.19 -9.36
CA GLY A 119 -14.63 -9.47 -9.98
C GLY A 119 -13.28 -10.07 -9.61
N ILE A 120 -12.72 -9.61 -8.51
CA ILE A 120 -11.43 -10.12 -8.04
C ILE A 120 -11.70 -11.11 -6.93
N THR A 121 -10.98 -12.24 -6.94
CA THR A 121 -11.16 -13.28 -5.93
C THR A 121 -10.34 -13.01 -4.69
N PRO A 122 -11.00 -12.85 -3.53
CA PRO A 122 -10.24 -12.61 -2.31
C PRO A 122 -9.59 -13.91 -1.86
N ILE A 123 -8.38 -13.81 -1.33
CA ILE A 123 -7.71 -14.97 -0.74
C ILE A 123 -7.77 -14.52 0.72
N LEU A 124 -8.82 -14.96 1.41
CA LEU A 124 -9.05 -14.57 2.80
C LEU A 124 -8.32 -15.46 3.77
N CYS A 125 -7.43 -14.86 4.55
CA CYS A 125 -6.62 -15.59 5.53
C CYS A 125 -7.21 -15.66 6.94
N VAL A 126 -7.12 -16.85 7.52
CA VAL A 126 -7.58 -17.10 8.88
C VAL A 126 -6.56 -18.03 9.52
N GLY A 127 -6.40 -17.95 10.82
CA GLY A 127 -5.42 -18.81 11.48
C GLY A 127 -5.22 -18.38 12.92
N GLU A 128 -4.95 -19.34 13.79
CA GLU A 128 -4.77 -19.06 15.21
C GLU A 128 -3.33 -18.85 15.68
N PRO A 129 -3.15 -18.06 16.75
CA PRO A 129 -1.81 -17.82 17.30
C PRO A 129 -1.40 -19.04 18.12
N LEU A 130 -0.10 -19.18 18.39
CA LEU A 130 0.40 -20.32 19.17
C LEU A 130 -0.31 -20.55 20.50
N GLU A 131 -0.55 -19.49 21.25
CA GLU A 131 -1.24 -19.56 22.55
C GLU A 131 -2.60 -20.24 22.46
N VAL A 132 -3.35 -19.90 21.42
CA VAL A 132 -4.67 -20.48 21.20
C VAL A 132 -4.55 -21.96 20.84
N ARG A 133 -3.59 -22.27 19.98
CA ARG A 133 -3.35 -23.64 19.56
C ARG A 133 -3.01 -24.50 20.78
N GLU A 134 -2.12 -24.00 21.63
CA GLU A 134 -1.70 -24.73 22.82
C GLU A 134 -2.84 -24.98 23.81
N LYS A 135 -3.84 -24.12 23.81
CA LYS A 135 -4.97 -24.27 24.71
C LYS A 135 -6.02 -25.22 24.15
N GLY A 136 -5.83 -25.64 22.91
CA GLY A 136 -6.77 -26.54 22.25
C GLY A 136 -7.94 -25.83 21.60
N GLU A 137 -7.81 -24.52 21.42
CA GLU A 137 -8.89 -23.70 20.84
C GLU A 137 -8.67 -23.31 19.38
N ALA A 138 -7.75 -23.97 18.69
CA ALA A 138 -7.47 -23.63 17.29
C ALA A 138 -8.71 -23.60 16.39
N VAL A 139 -9.52 -24.64 16.44
CA VAL A 139 -10.70 -24.69 15.59
C VAL A 139 -11.75 -23.62 15.92
N PRO A 140 -12.17 -23.53 17.19
CA PRO A 140 -13.17 -22.50 17.51
C PRO A 140 -12.71 -21.09 17.15
N TYR A 141 -11.44 -20.79 17.43
CA TYR A 141 -10.87 -19.47 17.15
C TYR A 141 -10.87 -19.19 15.65
N THR A 142 -10.38 -20.15 14.88
CA THR A 142 -10.31 -19.97 13.43
C THR A 142 -11.69 -19.85 12.78
N LEU A 143 -12.66 -20.60 13.28
CA LEU A 143 -14.00 -20.55 12.71
C LEU A 143 -14.66 -19.21 13.05
N ARG A 144 -14.35 -18.70 14.23
CA ARG A 144 -14.93 -17.42 14.65
C ARG A 144 -14.37 -16.31 13.78
N GLN A 145 -13.09 -16.43 13.43
CA GLN A 145 -12.44 -15.46 12.59
C GLN A 145 -13.01 -15.53 11.17
N LEU A 146 -13.23 -16.76 10.72
CA LEU A 146 -13.79 -16.99 9.38
C LEU A 146 -15.18 -16.37 9.25
N ARG A 147 -16.07 -16.69 10.19
CA ARG A 147 -17.43 -16.14 10.16
C ARG A 147 -17.43 -14.61 10.24
N GLY A 148 -16.60 -14.06 11.10
CA GLY A 148 -16.54 -12.61 11.24
C GLY A 148 -16.04 -11.95 9.97
N SER A 149 -15.06 -12.59 9.33
CA SER A 149 -14.47 -12.06 8.10
C SER A 149 -15.32 -12.26 6.86
N LEU A 150 -16.40 -13.04 6.98
CA LEU A 150 -17.29 -13.27 5.85
C LEU A 150 -18.66 -12.61 6.04
N GLU A 151 -18.77 -11.79 7.08
CA GLU A 151 -20.01 -11.08 7.36
C GLU A 151 -20.37 -10.18 6.18
N GLY A 152 -21.54 -10.40 5.59
CA GLY A 152 -21.99 -9.61 4.46
C GLY A 152 -21.29 -9.95 3.16
N VAL A 153 -20.42 -10.95 3.18
CA VAL A 153 -19.70 -11.36 1.98
C VAL A 153 -20.50 -12.45 1.25
N GLU A 154 -20.98 -12.12 0.06
CA GLU A 154 -21.77 -13.05 -0.74
C GLU A 154 -21.23 -13.13 -2.16
N PRO A 155 -20.25 -14.01 -2.39
CA PRO A 155 -19.66 -14.17 -3.72
C PRO A 155 -20.65 -14.69 -4.75
N PRO A 156 -20.42 -14.41 -6.04
CA PRO A 156 -21.33 -14.89 -7.07
C PRO A 156 -21.32 -16.43 -7.15
N GLY A 157 -20.16 -17.01 -6.88
CA GLY A 157 -20.01 -18.45 -6.91
C GLY A 157 -18.78 -18.88 -6.14
N PRO A 158 -18.57 -20.19 -5.93
CA PRO A 158 -17.41 -20.69 -5.18
C PRO A 158 -16.07 -20.38 -5.83
N GLU A 159 -16.07 -20.12 -7.12
CA GLU A 159 -14.85 -19.80 -7.85
C GLU A 159 -14.35 -18.41 -7.48
N ALA A 160 -15.23 -17.61 -6.89
CA ALA A 160 -14.92 -16.22 -6.54
C ALA A 160 -14.47 -16.01 -5.10
N LEU A 161 -14.13 -17.09 -4.40
CA LEU A 161 -13.66 -16.98 -3.03
C LEU A 161 -12.65 -18.07 -2.71
N VAL A 162 -11.54 -17.68 -2.10
CA VAL A 162 -10.51 -18.62 -1.69
C VAL A 162 -10.22 -18.36 -0.23
N ILE A 163 -10.12 -19.43 0.55
CA ILE A 163 -9.79 -19.28 1.96
C ILE A 163 -8.40 -19.84 2.14
N ALA A 164 -7.58 -19.18 2.96
CA ALA A 164 -6.24 -19.67 3.23
C ALA A 164 -6.08 -19.83 4.73
N TYR A 165 -5.82 -21.05 5.16
CA TYR A 165 -5.61 -21.31 6.59
C TYR A 165 -4.12 -21.24 6.82
N GLU A 166 -3.68 -20.24 7.57
CA GLU A 166 -2.28 -20.08 7.89
C GLU A 166 -2.13 -19.89 9.39
N PRO A 167 -1.80 -20.97 10.12
CA PRO A 167 -1.66 -20.79 11.56
C PRO A 167 -0.50 -19.81 11.77
N VAL A 168 -0.69 -18.83 12.65
CA VAL A 168 0.34 -17.81 12.87
C VAL A 168 1.71 -18.38 13.23
N TRP A 169 1.72 -19.42 14.06
CA TRP A 169 2.97 -20.04 14.49
C TRP A 169 3.73 -20.78 13.40
N ALA A 170 3.11 -20.91 12.22
CA ALA A 170 3.74 -21.62 11.11
C ALA A 170 4.32 -20.66 10.08
N ILE A 171 4.12 -19.37 10.28
CA ILE A 171 4.61 -18.36 9.34
C ILE A 171 6.08 -17.98 9.57
N GLY A 172 6.92 -18.29 8.60
CA GLY A 172 8.34 -17.95 8.67
C GLY A 172 9.13 -18.62 9.77
N THR A 173 8.52 -19.59 10.45
CA THR A 173 9.17 -20.30 11.55
C THR A 173 9.78 -21.63 11.16
N GLY A 174 9.40 -22.13 9.98
CA GLY A 174 9.91 -23.41 9.54
C GLY A 174 9.06 -24.53 10.12
N LYS A 175 8.15 -24.17 11.01
CA LYS A 175 7.27 -25.15 11.66
C LYS A 175 5.89 -25.19 11.01
N ASN A 176 5.77 -25.95 9.92
CA ASN A 176 4.48 -26.06 9.25
C ASN A 176 3.58 -27.01 10.01
N ALA A 177 2.27 -26.84 9.83
CA ALA A 177 1.32 -27.73 10.48
C ALA A 177 1.46 -29.07 9.76
N THR A 178 1.21 -30.16 10.46
CA THR A 178 1.31 -31.47 9.83
C THR A 178 0.15 -31.57 8.85
N PRO A 179 0.30 -32.40 7.81
CA PRO A 179 -0.78 -32.57 6.83
C PRO A 179 -2.10 -32.94 7.50
N GLU A 180 -2.01 -33.78 8.53
CA GLU A 180 -3.19 -34.22 9.26
C GLU A 180 -3.89 -33.07 10.00
N ASP A 181 -3.12 -32.21 10.65
CA ASP A 181 -3.72 -31.08 11.36
C ASP A 181 -4.30 -30.07 10.37
N ALA A 182 -3.62 -29.89 9.25
CA ALA A 182 -4.09 -28.95 8.23
C ALA A 182 -5.42 -29.48 7.71
N GLU A 183 -5.43 -30.76 7.36
CA GLU A 183 -6.63 -31.42 6.86
C GLU A 183 -7.81 -31.26 7.82
N ALA A 184 -7.56 -31.49 9.10
CA ALA A 184 -8.62 -31.35 10.09
C ALA A 184 -9.20 -29.94 10.14
N MET A 185 -8.33 -28.94 10.05
CA MET A 185 -8.80 -27.56 10.08
C MET A 185 -9.58 -27.23 8.81
N HIS A 186 -9.08 -27.68 7.67
CA HIS A 186 -9.77 -27.41 6.41
C HIS A 186 -11.16 -28.04 6.40
N GLN A 187 -11.29 -29.21 7.02
CA GLN A 187 -12.59 -29.88 7.09
C GLN A 187 -13.56 -28.99 7.87
N ALA A 188 -13.09 -28.45 8.99
CA ALA A 188 -13.91 -27.57 9.82
C ALA A 188 -14.30 -26.32 9.04
N ILE A 189 -13.31 -25.73 8.37
CA ILE A 189 -13.56 -24.53 7.57
C ILE A 189 -14.59 -24.81 6.47
N ARG A 190 -14.45 -25.93 5.77
CA ARG A 190 -15.38 -26.25 4.70
C ARG A 190 -16.79 -26.47 5.23
N LYS A 191 -16.89 -27.09 6.40
CA LYS A 191 -18.21 -27.32 6.99
C LYS A 191 -18.84 -25.97 7.32
N ALA A 192 -18.03 -25.04 7.79
CA ALA A 192 -18.51 -23.70 8.13
C ALA A 192 -18.97 -22.99 6.86
N LEU A 193 -18.27 -23.23 5.76
CA LEU A 193 -18.63 -22.61 4.49
C LEU A 193 -19.93 -23.20 3.97
N SER A 194 -20.15 -24.49 4.23
CA SER A 194 -21.36 -25.16 3.78
C SER A 194 -22.57 -24.56 4.50
N GLU A 195 -22.40 -24.29 5.79
CA GLU A 195 -23.48 -23.70 6.58
C GLU A 195 -23.75 -22.28 6.13
N ARG A 196 -22.72 -21.62 5.64
CA ARG A 196 -22.80 -20.24 5.20
C ARG A 196 -23.29 -20.04 3.77
N TYR A 197 -22.87 -20.90 2.86
CA TYR A 197 -23.23 -20.78 1.45
C TYR A 197 -23.88 -22.00 0.82
N GLY A 198 -24.04 -23.07 1.59
CA GLY A 198 -24.62 -24.27 1.03
C GLY A 198 -23.53 -25.26 0.65
N GLU A 199 -23.88 -26.54 0.60
CA GLU A 199 -22.94 -27.60 0.28
C GLU A 199 -22.34 -27.53 -1.13
N ALA A 200 -23.18 -27.24 -2.12
CA ALA A 200 -22.69 -27.15 -3.50
C ALA A 200 -21.57 -26.13 -3.60
N PHE A 201 -21.79 -24.97 -2.98
CA PHE A 201 -20.82 -23.89 -2.97
C PHE A 201 -19.55 -24.31 -2.21
N ALA A 202 -19.73 -24.73 -0.97
CA ALA A 202 -18.62 -25.13 -0.12
C ALA A 202 -17.73 -26.24 -0.69
N SER A 203 -18.33 -27.19 -1.38
CA SER A 203 -17.57 -28.30 -1.96
C SER A 203 -16.68 -27.87 -3.12
N ARG A 204 -16.88 -26.64 -3.59
CA ARG A 204 -16.09 -26.13 -4.72
C ARG A 204 -15.11 -25.02 -4.35
N VAL A 205 -15.17 -24.54 -3.12
CA VAL A 205 -14.27 -23.48 -2.66
C VAL A 205 -12.87 -24.02 -2.42
N ARG A 206 -11.87 -23.35 -2.97
CA ARG A 206 -10.49 -23.78 -2.76
C ARG A 206 -10.02 -23.28 -1.41
N ILE A 207 -9.54 -24.20 -0.58
CA ILE A 207 -9.02 -23.85 0.74
C ILE A 207 -7.54 -24.17 0.72
N LEU A 208 -6.71 -23.14 0.76
CA LEU A 208 -5.26 -23.32 0.72
C LEU A 208 -4.65 -23.37 2.10
N TYR A 209 -3.53 -24.07 2.22
CA TYR A 209 -2.81 -24.11 3.48
C TYR A 209 -1.60 -23.20 3.28
N GLY A 210 -1.25 -22.46 4.33
CA GLY A 210 -0.10 -21.58 4.26
C GLY A 210 0.65 -21.64 5.58
N GLY A 211 1.97 -21.41 5.54
CA GLY A 211 2.76 -21.45 6.75
C GLY A 211 3.90 -22.43 6.60
N SER A 212 5.04 -21.92 6.13
CA SER A 212 6.23 -22.73 5.92
C SER A 212 6.06 -23.83 4.88
N VAL A 213 5.32 -23.53 3.82
CA VAL A 213 5.14 -24.48 2.75
C VAL A 213 6.43 -24.45 1.92
N ASN A 214 6.97 -25.61 1.58
CA ASN A 214 8.18 -25.69 0.79
C ASN A 214 8.19 -26.95 -0.06
N PRO A 215 9.15 -27.06 -0.99
CA PRO A 215 9.24 -28.24 -1.87
C PRO A 215 9.30 -29.59 -1.15
N LYS A 216 9.81 -29.60 0.08
CA LYS A 216 9.92 -30.85 0.82
C LYS A 216 8.65 -31.32 1.51
N ASN A 217 7.71 -30.43 1.77
CA ASN A 217 6.48 -30.81 2.44
C ASN A 217 5.19 -30.57 1.66
N PHE A 218 5.29 -29.90 0.52
CA PHE A 218 4.09 -29.60 -0.26
C PHE A 218 3.30 -30.81 -0.76
N ALA A 219 3.99 -31.80 -1.30
CA ALA A 219 3.30 -32.99 -1.82
C ALA A 219 2.38 -33.63 -0.78
N ASP A 220 2.91 -33.85 0.42
CA ASP A 220 2.12 -34.48 1.48
C ASP A 220 0.95 -33.60 1.92
N LEU A 221 1.16 -32.29 1.96
CA LEU A 221 0.11 -31.36 2.37
C LEU A 221 -1.01 -31.37 1.33
N LEU A 222 -0.62 -31.33 0.07
CA LEU A 222 -1.55 -31.32 -1.05
C LEU A 222 -2.31 -32.64 -1.18
N SER A 223 -1.74 -33.71 -0.66
CA SER A 223 -2.39 -35.02 -0.73
C SER A 223 -3.63 -35.10 0.16
N MET A 224 -3.75 -34.17 1.12
CA MET A 224 -4.90 -34.16 2.01
C MET A 224 -6.15 -33.78 1.20
N PRO A 225 -7.24 -34.55 1.34
CA PRO A 225 -8.50 -34.32 0.62
C PRO A 225 -9.06 -32.90 0.64
N ASN A 226 -8.93 -32.21 1.76
CA ASN A 226 -9.48 -30.86 1.87
C ASN A 226 -8.49 -29.71 1.71
N VAL A 227 -7.25 -30.04 1.36
CA VAL A 227 -6.22 -29.02 1.13
C VAL A 227 -6.15 -28.87 -0.38
N ASP A 228 -6.49 -27.68 -0.88
CA ASP A 228 -6.54 -27.44 -2.32
C ASP A 228 -5.38 -26.64 -2.91
N GLY A 229 -4.30 -26.51 -2.15
CA GLY A 229 -3.16 -25.78 -2.65
C GLY A 229 -2.44 -25.08 -1.53
N GLY A 230 -1.59 -24.12 -1.88
CA GLY A 230 -0.88 -23.42 -0.84
C GLY A 230 -0.70 -21.95 -1.07
N LEU A 231 -0.60 -21.22 0.04
CA LEU A 231 -0.32 -19.80 0.01
C LEU A 231 1.13 -19.86 0.46
N VAL A 232 2.03 -19.67 -0.49
CA VAL A 232 3.46 -19.78 -0.24
C VAL A 232 4.18 -18.47 -0.02
N GLY A 233 4.91 -18.38 1.09
CA GLY A 233 5.63 -17.17 1.40
C GLY A 233 7.09 -17.24 0.96
N GLY A 234 7.98 -17.48 1.92
CA GLY A 234 9.39 -17.55 1.60
C GLY A 234 9.78 -18.44 0.43
N ALA A 235 9.12 -19.58 0.28
CA ALA A 235 9.45 -20.51 -0.80
C ALA A 235 8.99 -20.06 -2.18
N SER A 236 8.40 -18.87 -2.28
CA SER A 236 7.95 -18.38 -3.59
C SER A 236 8.90 -17.30 -4.11
N LEU A 237 9.88 -16.90 -3.31
CA LEU A 237 10.82 -15.86 -3.71
C LEU A 237 11.84 -16.33 -4.76
N GLU A 238 12.34 -17.55 -4.64
CA GLU A 238 13.29 -18.09 -5.59
C GLU A 238 12.51 -18.79 -6.69
N LEU A 239 12.77 -18.42 -7.94
CA LEU A 239 12.06 -19.03 -9.06
C LEU A 239 12.18 -20.55 -9.09
N GLU A 240 13.36 -21.09 -8.85
CA GLU A 240 13.49 -22.54 -8.88
C GLU A 240 12.61 -23.21 -7.84
N SER A 241 12.46 -22.58 -6.68
CA SER A 241 11.61 -23.13 -5.62
C SER A 241 10.15 -23.06 -6.03
N PHE A 242 9.73 -21.93 -6.58
CA PHE A 242 8.35 -21.76 -7.01
C PHE A 242 8.03 -22.78 -8.10
N LEU A 243 8.94 -22.94 -9.05
CA LEU A 243 8.71 -23.90 -10.13
C LEU A 243 8.61 -25.32 -9.59
N ALA A 244 9.42 -25.64 -8.59
CA ALA A 244 9.40 -26.97 -7.99
C ALA A 244 8.04 -27.22 -7.36
N LEU A 245 7.48 -26.19 -6.73
CA LEU A 245 6.17 -26.32 -6.11
C LEU A 245 5.09 -26.51 -7.17
N LEU A 246 5.23 -25.81 -8.29
CA LEU A 246 4.26 -25.93 -9.37
C LEU A 246 4.30 -27.33 -9.99
N ARG A 247 5.50 -27.91 -10.09
CA ARG A 247 5.63 -29.25 -10.67
C ARG A 247 4.99 -30.27 -9.75
N ILE A 248 5.10 -30.04 -8.45
CA ILE A 248 4.51 -30.93 -7.46
C ILE A 248 3.00 -30.90 -7.61
N ALA A 249 2.44 -29.71 -7.82
CA ALA A 249 1.00 -29.55 -7.98
C ALA A 249 0.55 -30.21 -9.29
N GLY A 250 1.38 -30.14 -10.32
CA GLY A 250 1.05 -30.75 -11.59
C GLY A 250 0.16 -29.93 -12.49
N MET B 1 16.56 32.16 -3.34
CA MET B 1 15.31 31.83 -2.60
C MET B 1 15.06 30.33 -2.67
N ARG B 2 14.06 29.87 -1.92
CA ARG B 2 13.70 28.46 -1.93
C ARG B 2 12.80 28.20 -3.12
N ARG B 3 13.13 27.18 -3.91
CA ARG B 3 12.33 26.85 -5.09
C ARG B 3 10.97 26.32 -4.65
N VAL B 4 9.92 26.86 -5.24
CA VAL B 4 8.56 26.43 -4.92
C VAL B 4 8.30 25.00 -5.38
N LEU B 5 7.50 24.28 -4.61
CA LEU B 5 7.13 22.91 -4.95
C LEU B 5 5.61 22.76 -4.86
N VAL B 6 5.01 22.28 -5.94
CA VAL B 6 3.56 22.05 -5.98
C VAL B 6 3.43 20.53 -6.14
N ALA B 7 3.01 19.86 -5.06
CA ALA B 7 2.87 18.41 -5.06
C ALA B 7 1.40 18.00 -5.00
N GLY B 8 0.97 17.22 -5.98
CA GLY B 8 -0.41 16.79 -6.02
C GLY B 8 -0.64 15.41 -5.42
N ASN B 9 -1.33 15.36 -4.29
CA ASN B 9 -1.64 14.11 -3.63
C ASN B 9 -3.01 13.65 -4.13
N TRP B 10 -3.02 12.71 -5.07
CA TRP B 10 -4.28 12.21 -5.62
C TRP B 10 -5.06 11.35 -4.64
N LYS B 11 -4.41 10.92 -3.57
CA LYS B 11 -5.04 10.05 -2.59
C LYS B 11 -5.54 8.80 -3.34
N MET B 12 -6.66 8.22 -2.94
CA MET B 12 -7.11 7.00 -3.63
C MET B 12 -8.11 7.28 -4.76
N HIS B 13 -7.56 7.69 -5.89
CA HIS B 13 -8.32 8.02 -7.09
C HIS B 13 -7.58 7.61 -8.35
N LYS B 14 -8.35 7.38 -9.42
CA LYS B 14 -7.85 7.00 -10.72
C LYS B 14 -7.26 5.59 -10.80
N THR B 15 -7.04 5.14 -12.02
CA THR B 15 -6.48 3.82 -12.29
C THR B 15 -5.23 4.02 -13.12
N PRO B 16 -4.39 2.98 -13.24
CA PRO B 16 -3.19 3.13 -14.05
C PRO B 16 -3.50 3.56 -15.48
N SER B 17 -4.54 2.99 -16.09
CA SER B 17 -4.88 3.36 -17.46
C SER B 17 -5.35 4.82 -17.57
N GLU B 18 -6.11 5.28 -16.58
CA GLU B 18 -6.58 6.67 -16.59
C GLU B 18 -5.40 7.63 -16.34
N ALA B 19 -4.48 7.20 -15.49
CA ALA B 19 -3.31 8.01 -15.16
C ALA B 19 -2.39 8.19 -16.36
N ARG B 20 -2.26 7.14 -17.18
CA ARG B 20 -1.41 7.21 -18.35
C ARG B 20 -1.85 8.38 -19.24
N VAL B 21 -3.16 8.49 -19.44
CA VAL B 21 -3.72 9.57 -20.24
C VAL B 21 -3.46 10.94 -19.60
N TRP B 22 -3.75 11.01 -18.30
CA TRP B 22 -3.57 12.24 -17.53
C TRP B 22 -2.13 12.72 -17.59
N PHE B 23 -1.18 11.83 -17.32
CA PHE B 23 0.24 12.19 -17.35
C PHE B 23 0.70 12.63 -18.73
N ALA B 24 0.22 11.95 -19.76
CA ALA B 24 0.62 12.29 -21.13
C ALA B 24 0.06 13.66 -21.51
N GLU B 25 -1.14 13.97 -21.04
CA GLU B 25 -1.72 15.26 -21.34
C GLU B 25 -0.95 16.35 -20.59
N LEU B 26 -0.57 16.07 -19.35
CA LEU B 26 0.20 17.02 -18.56
C LEU B 26 1.53 17.32 -19.25
N LYS B 27 2.16 16.26 -19.75
CA LYS B 27 3.44 16.37 -20.43
C LYS B 27 3.33 17.26 -21.68
N ARG B 28 2.28 17.08 -22.45
CA ARG B 28 2.10 17.86 -23.67
C ARG B 28 1.70 19.31 -23.41
N LEU B 29 0.90 19.54 -22.37
CA LEU B 29 0.42 20.88 -22.04
C LEU B 29 1.28 21.69 -21.09
N LEU B 30 2.25 21.05 -20.46
CA LEU B 30 3.11 21.71 -19.49
C LEU B 30 3.97 22.83 -20.06
N PRO B 31 3.75 24.07 -19.60
CA PRO B 31 4.56 25.19 -20.10
C PRO B 31 5.86 25.23 -19.28
N PRO B 32 6.88 25.93 -19.78
CA PRO B 32 8.12 26.00 -19.01
C PRO B 32 7.90 26.76 -17.71
N LEU B 33 8.30 26.17 -16.58
CA LEU B 33 8.12 26.81 -15.29
C LEU B 33 9.37 26.77 -14.43
N GLN B 34 9.48 27.74 -13.53
CA GLN B 34 10.62 27.84 -12.63
C GLN B 34 10.42 26.94 -11.42
N SER B 35 9.18 26.92 -10.92
CA SER B 35 8.84 26.10 -9.77
C SER B 35 8.89 24.62 -10.12
N GLU B 36 8.79 23.78 -9.09
CA GLU B 36 8.83 22.33 -9.25
C GLU B 36 7.44 21.71 -9.12
N ALA B 37 7.13 20.79 -10.02
CA ALA B 37 5.84 20.10 -10.00
C ALA B 37 6.07 18.62 -9.72
N ALA B 38 5.17 18.02 -8.97
CA ALA B 38 5.26 16.59 -8.66
C ALA B 38 3.86 16.04 -8.46
N VAL B 39 3.65 14.80 -8.88
CA VAL B 39 2.35 14.15 -8.70
C VAL B 39 2.60 12.92 -7.85
N LEU B 40 1.74 12.71 -6.85
CA LEU B 40 1.87 11.58 -5.93
C LEU B 40 0.65 10.68 -6.03
N PRO B 41 0.68 9.71 -6.97
CA PRO B 41 -0.41 8.76 -7.20
C PRO B 41 -0.30 7.50 -6.33
N ALA B 42 -1.32 6.65 -6.37
CA ALA B 42 -1.33 5.41 -5.61
C ALA B 42 -0.22 4.49 -6.13
N PHE B 43 0.28 3.60 -5.27
CA PHE B 43 1.37 2.69 -5.62
C PHE B 43 1.38 2.05 -7.02
N PRO B 44 0.28 1.39 -7.42
CA PRO B 44 0.27 0.76 -8.73
C PRO B 44 0.32 1.68 -9.95
N ILE B 45 0.23 2.98 -9.71
CA ILE B 45 0.28 3.98 -10.77
C ILE B 45 1.70 4.50 -10.96
N LEU B 46 2.57 4.22 -9.98
CA LEU B 46 3.94 4.69 -10.07
C LEU B 46 4.70 4.24 -11.32
N PRO B 47 4.51 2.99 -11.78
CA PRO B 47 5.26 2.59 -12.98
C PRO B 47 4.94 3.44 -14.22
N VAL B 48 3.66 3.75 -14.44
CA VAL B 48 3.32 4.55 -15.61
C VAL B 48 3.76 6.00 -15.40
N ALA B 49 3.86 6.44 -14.15
CA ALA B 49 4.32 7.78 -13.87
C ALA B 49 5.78 7.85 -14.32
N LYS B 50 6.55 6.82 -13.99
CA LYS B 50 7.96 6.76 -14.38
C LYS B 50 8.07 6.72 -15.90
N GLU B 51 7.23 5.91 -16.54
CA GLU B 51 7.25 5.78 -17.99
C GLU B 51 6.98 7.08 -18.73
N VAL B 52 5.88 7.73 -18.37
CA VAL B 52 5.48 8.96 -19.03
C VAL B 52 6.19 10.24 -18.60
N LEU B 53 6.49 10.36 -17.31
CA LEU B 53 7.12 11.57 -16.80
C LEU B 53 8.65 11.55 -16.70
N ALA B 54 9.25 10.41 -16.99
CA ALA B 54 10.71 10.27 -16.92
C ALA B 54 11.51 11.43 -17.50
N GLU B 55 11.31 11.69 -18.79
CA GLU B 55 12.02 12.73 -19.51
C GLU B 55 11.49 14.16 -19.32
N THR B 56 10.46 14.32 -18.50
CA THR B 56 9.89 15.65 -18.28
C THR B 56 10.40 16.33 -17.02
N GLN B 57 9.92 17.56 -16.82
CA GLN B 57 10.28 18.35 -15.66
C GLN B 57 9.40 18.01 -14.45
N VAL B 58 8.41 17.15 -14.67
CA VAL B 58 7.51 16.76 -13.60
C VAL B 58 8.01 15.54 -12.84
N GLY B 59 8.09 15.67 -11.51
CA GLY B 59 8.54 14.55 -10.71
C GLY B 59 7.34 13.81 -10.16
N TYR B 60 7.58 12.70 -9.47
CA TYR B 60 6.50 11.92 -8.88
C TYR B 60 6.96 11.24 -7.61
N GLY B 61 6.01 10.69 -6.86
CA GLY B 61 6.35 10.03 -5.62
C GLY B 61 5.19 9.25 -5.04
N ALA B 62 5.45 8.58 -3.91
CA ALA B 62 4.43 7.77 -3.24
C ALA B 62 3.69 8.52 -2.16
N GLN B 63 2.60 7.91 -1.69
CA GLN B 63 1.76 8.47 -0.63
C GLN B 63 2.04 7.85 0.73
N ASP B 64 2.91 6.85 0.74
CA ASP B 64 3.26 6.14 1.97
C ASP B 64 4.45 5.23 1.63
N VAL B 65 5.01 4.60 2.66
CA VAL B 65 6.15 3.68 2.47
C VAL B 65 6.31 2.89 3.77
N SER B 66 6.89 1.69 3.67
CA SER B 66 7.12 0.85 4.83
C SER B 66 8.21 1.40 5.74
N ALA B 67 8.12 1.09 7.02
CA ALA B 67 9.12 1.52 8.00
C ALA B 67 10.26 0.50 8.00
N HIS B 68 10.09 -0.58 7.23
CA HIS B 68 11.09 -1.64 7.15
C HIS B 68 11.77 -1.63 5.77
N LYS B 69 13.00 -2.15 5.70
CA LYS B 69 13.73 -2.19 4.44
C LYS B 69 13.20 -3.29 3.52
N GLU B 70 12.87 -4.43 4.11
CA GLU B 70 12.34 -5.56 3.38
C GLU B 70 11.91 -6.63 4.36
N GLY B 71 11.12 -7.59 3.90
CA GLY B 71 10.71 -8.64 4.81
C GLY B 71 9.28 -9.12 4.71
N ALA B 72 8.89 -9.86 5.75
CA ALA B 72 7.55 -10.45 5.84
C ALA B 72 6.53 -9.43 6.34
N TYR B 73 6.21 -8.49 5.46
CA TYR B 73 5.24 -7.44 5.78
C TYR B 73 4.25 -7.36 4.63
N THR B 74 3.39 -8.38 4.56
CA THR B 74 2.38 -8.45 3.51
C THR B 74 1.64 -7.13 3.32
N GLY B 75 1.59 -6.68 2.06
CA GLY B 75 0.90 -5.44 1.74
C GLY B 75 1.72 -4.17 1.76
N GLU B 76 2.90 -4.21 2.38
CA GLU B 76 3.73 -3.02 2.47
C GLU B 76 4.67 -2.85 1.29
N VAL B 77 5.00 -1.59 1.00
CA VAL B 77 5.88 -1.23 -0.11
C VAL B 77 7.17 -0.61 0.43
N SER B 78 8.31 -1.12 -0.03
CA SER B 78 9.61 -0.64 0.46
C SER B 78 10.17 0.56 -0.27
N ALA B 79 11.08 1.26 0.42
CA ALA B 79 11.73 2.42 -0.15
C ALA B 79 12.56 1.99 -1.36
N ARG B 80 13.10 0.78 -1.32
CA ARG B 80 13.91 0.30 -2.44
C ARG B 80 13.05 0.14 -3.69
N MET B 81 11.79 -0.26 -3.50
CA MET B 81 10.87 -0.41 -4.62
C MET B 81 10.63 0.96 -5.21
N LEU B 82 10.44 1.94 -4.34
CA LEU B 82 10.19 3.30 -4.78
C LEU B 82 11.41 3.91 -5.47
N SER B 83 12.60 3.57 -4.99
CA SER B 83 13.84 4.06 -5.58
C SER B 83 14.00 3.47 -6.97
N ASP B 84 13.67 2.19 -7.11
CA ASP B 84 13.78 1.53 -8.41
C ASP B 84 12.92 2.24 -9.45
N LEU B 85 11.82 2.82 -8.99
CA LEU B 85 10.89 3.51 -9.89
C LEU B 85 11.24 4.98 -10.11
N GLY B 86 12.31 5.45 -9.46
CA GLY B 86 12.72 6.84 -9.62
C GLY B 86 11.88 7.86 -8.90
N CYS B 87 11.21 7.45 -7.83
CA CYS B 87 10.41 8.39 -7.05
C CYS B 87 11.30 9.43 -6.42
N ARG B 88 10.93 10.70 -6.54
CA ARG B 88 11.69 11.78 -5.95
C ARG B 88 11.20 12.04 -4.53
N TYR B 89 9.92 11.76 -4.30
CA TYR B 89 9.29 11.99 -3.00
C TYR B 89 8.41 10.85 -2.53
N ALA B 90 8.00 10.95 -1.28
CA ALA B 90 7.07 9.99 -0.68
C ALA B 90 6.51 10.67 0.55
N ILE B 91 5.19 10.72 0.66
CA ILE B 91 4.54 11.33 1.81
C ILE B 91 4.64 10.39 3.00
N VAL B 92 4.91 10.95 4.18
CA VAL B 92 4.95 10.14 5.39
C VAL B 92 4.18 10.89 6.48
N GLY B 93 3.38 10.16 7.25
CA GLY B 93 2.63 10.77 8.32
C GLY B 93 1.45 11.62 7.91
N HIS B 94 0.86 11.36 6.74
CA HIS B 94 -0.30 12.14 6.33
C HIS B 94 -1.33 11.95 7.44
N SER B 95 -2.09 13.01 7.75
CA SER B 95 -3.09 12.93 8.81
C SER B 95 -4.07 11.77 8.64
N GLU B 96 -4.40 11.44 7.39
CA GLU B 96 -5.32 10.34 7.14
C GLU B 96 -4.75 9.00 7.62
N ARG B 97 -3.43 8.83 7.51
CA ARG B 97 -2.81 7.59 7.96
C ARG B 97 -2.59 7.62 9.47
N ARG B 98 -2.33 8.80 10.02
CA ARG B 98 -2.15 8.89 11.47
C ARG B 98 -3.47 8.54 12.14
N ARG B 99 -4.58 8.91 11.49
CA ARG B 99 -5.91 8.63 12.02
C ARG B 99 -6.44 7.24 11.68
N TYR B 100 -6.60 6.95 10.40
CA TYR B 100 -7.13 5.66 9.96
C TYR B 100 -6.21 4.47 10.19
N HIS B 101 -4.91 4.70 10.26
CA HIS B 101 -3.96 3.62 10.43
C HIS B 101 -3.14 3.70 11.71
N GLY B 102 -3.53 4.62 12.58
CA GLY B 102 -2.86 4.80 13.86
C GLY B 102 -1.37 4.99 13.81
N GLU B 103 -0.87 5.62 12.74
CA GLU B 103 0.57 5.85 12.62
C GLU B 103 1.04 6.84 13.68
N THR B 104 2.11 6.47 14.37
CA THR B 104 2.69 7.28 15.44
C THR B 104 3.88 8.09 14.94
N ASP B 105 4.33 9.05 15.74
CA ASP B 105 5.48 9.86 15.37
C ASP B 105 6.68 8.94 15.15
N ALA B 106 6.85 7.97 16.03
CA ALA B 106 7.97 7.03 15.95
C ALA B 106 7.96 6.25 14.64
N LEU B 107 6.77 5.82 14.22
CA LEU B 107 6.64 5.07 12.98
C LEU B 107 6.98 5.97 11.80
N VAL B 108 6.45 7.19 11.82
CA VAL B 108 6.71 8.15 10.75
C VAL B 108 8.20 8.44 10.63
N ALA B 109 8.89 8.52 11.77
CA ALA B 109 10.33 8.78 11.76
C ALA B 109 11.04 7.64 11.05
N GLU B 110 10.64 6.40 11.33
CA GLU B 110 11.27 5.25 10.68
C GLU B 110 11.03 5.27 9.17
N LYS B 111 9.81 5.63 8.76
CA LYS B 111 9.50 5.70 7.34
C LYS B 111 10.39 6.74 6.69
N ALA B 112 10.57 7.89 7.35
CA ALA B 112 11.42 8.94 6.81
C ALA B 112 12.85 8.44 6.65
N LYS B 113 13.32 7.68 7.63
CA LYS B 113 14.66 7.13 7.58
C LYS B 113 14.83 6.18 6.39
N ARG B 114 13.83 5.33 6.16
CA ARG B 114 13.90 4.40 5.03
C ARG B 114 14.03 5.17 3.71
N LEU B 115 13.28 6.25 3.59
CA LEU B 115 13.31 7.06 2.37
C LEU B 115 14.68 7.71 2.19
N LEU B 116 15.21 8.31 3.26
CA LEU B 116 16.51 8.97 3.17
C LEU B 116 17.61 8.04 2.70
N GLU B 117 17.62 6.81 3.24
CA GLU B 117 18.63 5.83 2.87
C GLU B 117 18.63 5.53 1.38
N GLU B 118 17.47 5.65 0.76
CA GLU B 118 17.30 5.38 -0.67
C GLU B 118 17.30 6.64 -1.54
N GLY B 119 17.65 7.77 -0.94
CA GLY B 119 17.71 9.01 -1.69
C GLY B 119 16.38 9.63 -2.09
N ILE B 120 15.31 9.24 -1.39
CA ILE B 120 13.99 9.77 -1.67
C ILE B 120 13.68 10.81 -0.60
N THR B 121 13.10 11.93 -1.03
CA THR B 121 12.77 13.02 -0.11
C THR B 121 11.43 12.83 0.58
N PRO B 122 11.43 12.74 1.91
CA PRO B 122 10.15 12.57 2.60
C PRO B 122 9.37 13.87 2.57
N ILE B 123 8.04 13.78 2.49
CA ILE B 123 7.19 14.95 2.58
C ILE B 123 6.48 14.62 3.89
N LEU B 124 7.07 15.08 4.99
CA LEU B 124 6.55 14.81 6.33
C LEU B 124 5.42 15.76 6.70
N CYS B 125 4.24 15.19 6.97
CA CYS B 125 3.08 15.98 7.31
C CYS B 125 2.88 16.13 8.81
N VAL B 126 2.55 17.35 9.23
CA VAL B 126 2.29 17.67 10.63
C VAL B 126 1.11 18.65 10.63
N GLY B 127 0.27 18.59 11.65
CA GLY B 127 -0.86 19.49 11.70
C GLY B 127 -1.77 19.20 12.88
N GLU B 128 -2.50 20.22 13.32
CA GLU B 128 -3.37 20.07 14.48
C GLU B 128 -4.87 20.00 14.19
N PRO B 129 -5.63 19.37 15.09
CA PRO B 129 -7.08 19.25 14.93
C PRO B 129 -7.72 20.58 15.34
N LEU B 130 -8.97 20.79 14.92
CA LEU B 130 -9.66 22.04 15.21
C LEU B 130 -9.70 22.46 16.68
N GLU B 131 -10.03 21.55 17.58
CA GLU B 131 -10.11 21.92 19.00
C GLU B 131 -8.77 22.37 19.57
N VAL B 132 -7.67 21.82 19.06
CA VAL B 132 -6.35 22.22 19.53
C VAL B 132 -6.10 23.65 19.05
N ARG B 133 -6.51 23.94 17.82
CA ARG B 133 -6.35 25.27 17.25
C ARG B 133 -7.17 26.29 18.06
N GLU B 134 -8.40 25.92 18.38
CA GLU B 134 -9.28 26.81 19.14
C GLU B 134 -8.81 27.02 20.57
N LYS B 135 -8.06 26.06 21.10
CA LYS B 135 -7.52 26.18 22.46
C LYS B 135 -6.24 27.01 22.43
N GLY B 136 -5.84 27.42 21.23
CA GLY B 136 -4.64 28.23 21.06
C GLY B 136 -3.35 27.44 21.18
N GLU B 137 -3.44 26.12 21.02
CA GLU B 137 -2.28 25.25 21.14
C GLU B 137 -1.83 24.61 19.82
N ALA B 138 -2.17 25.23 18.70
CA ALA B 138 -1.79 24.69 17.39
C ALA B 138 -0.29 24.53 17.23
N VAL B 139 0.46 25.58 17.57
CA VAL B 139 1.92 25.53 17.44
C VAL B 139 2.58 24.48 18.33
N PRO B 140 2.32 24.49 19.65
CA PRO B 140 2.94 23.50 20.52
C PRO B 140 2.64 22.07 20.08
N TYR B 141 1.38 21.83 19.72
CA TYR B 141 0.94 20.51 19.27
C TYR B 141 1.69 20.09 18.01
N THR B 142 1.70 20.97 17.03
CA THR B 142 2.35 20.70 15.75
C THR B 142 3.86 20.51 15.89
N LEU B 143 4.50 21.35 16.71
CA LEU B 143 5.94 21.24 16.90
C LEU B 143 6.33 19.94 17.61
N ARG B 144 5.46 19.47 18.50
CA ARG B 144 5.71 18.24 19.22
C ARG B 144 5.65 17.07 18.23
N GLN B 145 4.73 17.18 17.28
CA GLN B 145 4.54 16.15 16.26
C GLN B 145 5.76 16.15 15.35
N LEU B 146 6.22 17.35 15.01
CA LEU B 146 7.38 17.50 14.15
C LEU B 146 8.62 16.88 14.80
N ARG B 147 8.86 17.25 16.05
CA ARG B 147 10.03 16.73 16.75
C ARG B 147 10.01 15.21 16.90
N GLY B 148 8.85 14.65 17.22
CA GLY B 148 8.74 13.22 17.37
C GLY B 148 8.93 12.51 16.04
N SER B 149 8.38 13.11 14.98
CA SER B 149 8.47 12.51 13.65
C SER B 149 9.85 12.63 13.02
N LEU B 150 10.72 13.46 13.61
CA LEU B 150 12.06 13.64 13.08
C LEU B 150 13.13 13.03 13.97
N GLU B 151 12.70 12.25 14.96
CA GLU B 151 13.63 11.60 15.88
C GLU B 151 14.53 10.63 15.09
N GLY B 152 15.84 10.87 15.16
CA GLY B 152 16.78 10.01 14.46
C GLY B 152 16.84 10.26 12.96
N VAL B 153 16.07 11.24 12.49
CA VAL B 153 16.04 11.58 11.08
C VAL B 153 17.11 12.63 10.76
N GLU B 154 18.14 12.23 10.03
CA GLU B 154 19.24 13.12 9.68
C GLU B 154 19.51 13.12 8.18
N PRO B 155 18.83 14.00 7.43
CA PRO B 155 19.01 14.07 5.97
C PRO B 155 20.42 14.54 5.61
N PRO B 156 20.88 14.19 4.41
CA PRO B 156 22.22 14.61 3.99
C PRO B 156 22.28 16.13 3.83
N GLY B 157 21.16 16.71 3.42
CA GLY B 157 21.08 18.15 3.23
C GLY B 157 19.63 18.60 3.24
N PRO B 158 19.36 19.91 3.27
CA PRO B 158 18.00 20.45 3.28
C PRO B 158 17.16 20.09 2.06
N GLU B 159 17.83 19.74 0.96
CA GLU B 159 17.14 19.39 -0.26
C GLU B 159 16.47 18.02 -0.11
N ALA B 160 16.90 17.26 0.89
CA ALA B 160 16.38 15.91 1.12
C ALA B 160 15.25 15.82 2.14
N LEU B 161 14.66 16.95 2.49
CA LEU B 161 13.56 16.93 3.45
C LEU B 161 12.55 18.02 3.14
N VAL B 162 11.27 17.65 3.15
CA VAL B 162 10.19 18.59 2.91
C VAL B 162 9.19 18.40 4.05
N ILE B 163 8.71 19.51 4.61
CA ILE B 163 7.71 19.44 5.67
C ILE B 163 6.42 20.00 5.08
N ALA B 164 5.30 19.36 5.39
CA ALA B 164 4.03 19.84 4.91
C ALA B 164 3.15 20.12 6.11
N TYR B 165 2.75 21.37 6.28
CA TYR B 165 1.87 21.72 7.38
C TYR B 165 0.44 21.67 6.86
N GLU B 166 -0.33 20.71 7.35
CA GLU B 166 -1.71 20.56 6.94
C GLU B 166 -2.61 20.53 8.16
N PRO B 167 -3.31 21.64 8.45
CA PRO B 167 -4.21 21.66 9.60
C PRO B 167 -5.27 20.59 9.32
N VAL B 168 -5.48 19.68 10.27
CA VAL B 168 -6.45 18.62 10.05
C VAL B 168 -7.82 19.18 9.67
N TRP B 169 -8.19 20.29 10.28
CA TRP B 169 -9.48 20.93 10.03
C TRP B 169 -9.60 21.56 8.65
N ALA B 170 -8.48 21.65 7.93
CA ALA B 170 -8.47 22.25 6.61
C ALA B 170 -8.46 21.23 5.47
N ILE B 171 -8.47 19.95 5.83
CA ILE B 171 -8.44 18.89 4.83
C ILE B 171 -9.82 18.47 4.33
N GLY B 172 -10.05 18.71 3.03
CA GLY B 172 -11.32 18.35 2.42
C GLY B 172 -12.53 19.06 2.96
N THR B 173 -12.31 20.04 3.83
CA THR B 173 -13.39 20.81 4.43
C THR B 173 -13.70 22.08 3.66
N GLY B 174 -12.78 22.48 2.80
CA GLY B 174 -12.99 23.69 2.01
C GLY B 174 -12.54 24.94 2.74
N LYS B 175 -12.12 24.79 4.00
CA LYS B 175 -11.65 25.93 4.77
C LYS B 175 -10.14 25.89 4.98
N ASN B 176 -9.42 26.63 4.15
CA ASN B 176 -7.97 26.67 4.23
C ASN B 176 -7.55 27.67 5.30
N ALA B 177 -6.36 27.47 5.85
CA ALA B 177 -5.85 28.37 6.86
C ALA B 177 -5.55 29.69 6.16
N THR B 178 -5.69 30.79 6.88
CA THR B 178 -5.41 32.09 6.30
C THR B 178 -3.91 32.20 6.04
N PRO B 179 -3.52 32.97 5.02
CA PRO B 179 -2.09 33.12 4.73
C PRO B 179 -1.31 33.52 5.98
N GLU B 180 -1.93 34.34 6.82
CA GLU B 180 -1.30 34.80 8.06
C GLU B 180 -1.06 33.66 9.05
N ASP B 181 -2.06 32.79 9.22
CA ASP B 181 -1.91 31.67 10.14
C ASP B 181 -0.91 30.66 9.62
N ALA B 182 -0.93 30.42 8.30
CA ALA B 182 -0.01 29.48 7.69
C ALA B 182 1.41 30.00 7.90
N GLU B 183 1.61 31.27 7.57
CA GLU B 183 2.92 31.90 7.73
C GLU B 183 3.43 31.77 9.16
N ALA B 184 2.55 32.02 10.12
CA ALA B 184 2.91 31.93 11.52
C ALA B 184 3.37 30.51 11.88
N MET B 185 2.65 29.51 11.40
CA MET B 185 3.00 28.13 11.69
C MET B 185 4.30 27.74 11.00
N HIS B 186 4.46 28.12 9.74
CA HIS B 186 5.67 27.78 9.02
C HIS B 186 6.90 28.41 9.67
N GLN B 187 6.73 29.60 10.24
CA GLN B 187 7.85 30.27 10.92
C GLN B 187 8.26 29.46 12.15
N ALA B 188 7.27 28.98 12.89
CA ALA B 188 7.53 28.18 14.09
C ALA B 188 8.21 26.88 13.69
N ILE B 189 7.73 26.27 12.61
CA ILE B 189 8.31 25.02 12.12
C ILE B 189 9.76 25.21 11.68
N ARG B 190 10.01 26.28 10.91
CA ARG B 190 11.36 26.54 10.42
C ARG B 190 12.31 26.81 11.58
N LYS B 191 11.82 27.48 12.62
CA LYS B 191 12.65 27.76 13.79
C LYS B 191 13.00 26.46 14.47
N ALA B 192 12.04 25.55 14.52
CA ALA B 192 12.26 24.25 15.14
C ALA B 192 13.30 23.48 14.32
N LEU B 193 13.20 23.61 12.99
CA LEU B 193 14.16 22.93 12.11
C LEU B 193 15.55 23.51 12.31
N SER B 194 15.63 24.81 12.59
CA SER B 194 16.92 25.47 12.80
C SER B 194 17.60 24.93 14.05
N GLU B 195 16.82 24.71 15.10
CA GLU B 195 17.36 24.20 16.37
C GLU B 195 17.80 22.75 16.18
N ARG B 196 17.10 22.05 15.30
CA ARG B 196 17.36 20.65 15.01
C ARG B 196 18.51 20.39 14.04
N TYR B 197 18.59 21.19 12.97
CA TYR B 197 19.60 21.00 11.93
C TYR B 197 20.50 22.21 11.67
N GLY B 198 20.27 23.30 12.37
CA GLY B 198 21.07 24.49 12.13
C GLY B 198 20.36 25.43 11.17
N GLU B 199 20.73 26.72 11.24
CA GLU B 199 20.10 27.74 10.41
C GLU B 199 20.31 27.58 8.90
N ALA B 200 21.53 27.28 8.47
CA ALA B 200 21.80 27.12 7.04
C ALA B 200 20.87 26.07 6.44
N PHE B 201 20.73 24.94 7.15
CA PHE B 201 19.87 23.84 6.72
C PHE B 201 18.40 24.28 6.72
N ALA B 202 17.94 24.76 7.88
CA ALA B 202 16.55 25.19 8.02
C ALA B 202 16.09 26.25 7.01
N SER B 203 16.97 27.19 6.68
CA SER B 203 16.63 28.26 5.74
C SER B 203 16.43 27.75 4.31
N ARG B 204 16.84 26.51 4.06
CA ARG B 204 16.72 25.94 2.72
C ARG B 204 15.65 24.86 2.60
N VAL B 205 15.07 24.44 3.73
CA VAL B 205 14.03 23.41 3.72
C VAL B 205 12.70 23.95 3.21
N ARG B 206 12.11 23.25 2.25
CA ARG B 206 10.83 23.67 1.72
C ARG B 206 9.71 23.23 2.66
N ILE B 207 8.92 24.20 3.10
CA ILE B 207 7.80 23.92 3.98
C ILE B 207 6.54 24.26 3.19
N LEU B 208 5.78 23.23 2.84
CA LEU B 208 4.57 23.39 2.06
C LEU B 208 3.33 23.52 2.93
N TYR B 209 2.32 24.22 2.42
CA TYR B 209 1.07 24.33 3.15
C TYR B 209 0.11 23.38 2.44
N GLY B 210 -0.74 22.70 3.21
CA GLY B 210 -1.70 21.80 2.62
C GLY B 210 -3.02 21.94 3.36
N GLY B 211 -4.13 21.69 2.66
CA GLY B 211 -5.43 21.81 3.29
C GLY B 211 -6.32 22.75 2.52
N SER B 212 -7.08 22.19 1.59
CA SER B 212 -8.00 22.98 0.76
C SER B 212 -7.30 24.01 -0.12
N VAL B 213 -6.12 23.65 -0.63
CA VAL B 213 -5.40 24.54 -1.52
C VAL B 213 -6.10 24.45 -2.87
N ASN B 214 -6.38 25.60 -3.49
CA ASN B 214 -7.03 25.63 -4.78
C ASN B 214 -6.61 26.87 -5.56
N PRO B 215 -6.93 26.93 -6.86
CA PRO B 215 -6.58 28.09 -7.69
C PRO B 215 -6.98 29.45 -7.12
N LYS B 216 -8.04 29.47 -6.31
CA LYS B 216 -8.53 30.72 -5.73
C LYS B 216 -7.73 31.25 -4.55
N ASN B 217 -7.10 30.37 -3.78
CA ASN B 217 -6.35 30.81 -2.61
C ASN B 217 -4.85 30.57 -2.65
N PHE B 218 -4.38 29.83 -3.64
CA PHE B 218 -2.96 29.51 -3.72
C PHE B 218 -1.99 30.68 -3.84
N ALA B 219 -2.32 31.67 -4.67
CA ALA B 219 -1.44 32.82 -4.84
C ALA B 219 -1.14 33.54 -3.52
N ASP B 220 -2.18 33.81 -2.74
CA ASP B 220 -1.99 34.51 -1.47
C ASP B 220 -1.23 33.67 -0.46
N LEU B 221 -1.45 32.36 -0.46
CA LEU B 221 -0.76 31.47 0.47
C LEU B 221 0.72 31.46 0.11
N LEU B 222 0.99 31.33 -1.18
CA LEU B 222 2.35 31.27 -1.69
C LEU B 222 3.12 32.58 -1.50
N SER B 223 2.40 33.69 -1.38
CA SER B 223 3.04 34.99 -1.20
C SER B 223 3.72 35.13 0.16
N MET B 224 3.31 34.31 1.12
CA MET B 224 3.91 34.35 2.46
C MET B 224 5.35 33.87 2.39
N PRO B 225 6.28 34.65 2.98
CA PRO B 225 7.72 34.38 3.01
C PRO B 225 8.16 32.96 3.40
N ASN B 226 7.45 32.34 4.34
CA ASN B 226 7.82 31.01 4.78
C ASN B 226 7.00 29.85 4.21
N VAL B 227 6.13 30.14 3.26
CA VAL B 227 5.32 29.11 2.60
C VAL B 227 6.00 28.86 1.26
N ASP B 228 6.54 27.65 1.10
CA ASP B 228 7.29 27.32 -0.12
C ASP B 228 6.58 26.48 -1.18
N GLY B 229 5.27 26.37 -1.06
CA GLY B 229 4.53 25.59 -2.04
C GLY B 229 3.31 24.98 -1.39
N GLY B 230 2.74 23.97 -2.04
CA GLY B 230 1.58 23.35 -1.47
C GLY B 230 1.46 21.86 -1.69
N LEU B 231 0.84 21.19 -0.73
CA LEU B 231 0.57 19.77 -0.83
C LEU B 231 -0.91 19.84 -1.18
N VAL B 232 -1.21 19.57 -2.45
CA VAL B 232 -2.57 19.70 -2.96
C VAL B 232 -3.36 18.40 -3.07
N GLY B 233 -4.54 18.40 -2.44
CA GLY B 233 -5.38 17.22 -2.47
C GLY B 233 -6.37 17.23 -3.61
N GLY B 234 -7.64 17.45 -3.29
CA GLY B 234 -8.67 17.46 -4.31
C GLY B 234 -8.42 18.31 -5.54
N ALA B 235 -7.77 19.45 -5.37
CA ALA B 235 -7.49 20.34 -6.49
C ALA B 235 -6.41 19.83 -7.44
N SER B 236 -5.87 18.65 -7.17
CA SER B 236 -4.84 18.09 -8.04
C SER B 236 -5.41 16.96 -8.92
N LEU B 237 -6.67 16.61 -8.70
CA LEU B 237 -7.32 15.54 -9.45
C LEU B 237 -7.65 15.91 -10.90
N GLU B 238 -8.13 17.12 -11.12
CA GLU B 238 -8.45 17.56 -12.48
C GLU B 238 -7.21 18.24 -13.05
N LEU B 239 -6.79 17.79 -14.23
CA LEU B 239 -5.60 18.35 -14.87
C LEU B 239 -5.65 19.86 -15.03
N GLU B 240 -6.79 20.40 -15.46
CA GLU B 240 -6.90 21.83 -15.64
C GLU B 240 -6.65 22.58 -14.33
N SER B 241 -7.12 22.02 -13.23
CA SER B 241 -6.93 22.63 -11.91
C SER B 241 -5.46 22.56 -11.52
N PHE B 242 -4.84 21.41 -11.74
CA PHE B 242 -3.43 21.25 -11.40
C PHE B 242 -2.58 22.21 -12.22
N LEU B 243 -2.87 22.32 -13.52
CA LEU B 243 -2.13 23.23 -14.37
C LEU B 243 -2.29 24.67 -13.89
N ALA B 244 -3.49 25.03 -13.46
CA ALA B 244 -3.75 26.37 -12.96
C ALA B 244 -2.87 26.66 -11.76
N LEU B 245 -2.73 25.68 -10.87
CA LEU B 245 -1.90 25.85 -9.69
C LEU B 245 -0.44 26.01 -10.07
N LEU B 246 0.00 25.27 -11.09
CA LEU B 246 1.38 25.36 -11.54
C LEU B 246 1.65 26.73 -12.16
N ARG B 247 0.68 27.26 -12.90
CA ARG B 247 0.87 28.57 -13.52
C ARG B 247 0.98 29.64 -12.43
N ILE B 248 0.24 29.45 -11.35
CA ILE B 248 0.29 30.40 -10.24
C ILE B 248 1.68 30.37 -9.59
N ALA B 249 2.25 29.17 -9.49
CA ALA B 249 3.57 29.01 -8.89
C ALA B 249 4.65 29.64 -9.78
N GLY B 250 4.46 29.55 -11.09
CA GLY B 250 5.41 30.12 -12.02
C GLY B 250 6.62 29.24 -12.33
#